data_7LET
#
_entry.id   7LET
#
_cell.length_a   77.944
_cell.length_b   91.273
_cell.length_c   97.242
_cell.angle_alpha   90.000
_cell.angle_beta   90.000
_cell.angle_gamma   90.000
#
_symmetry.space_group_name_H-M   'P 21 21 21'
#
loop_
_entity.id
_entity.type
_entity.pdbx_description
1 polymer 'Importin subunit alpha-1'
2 polymer 'Nuclear factor NF-kappa-B p105 subunit'
3 polymer 'Transcription factor p65'
4 water water
#
loop_
_entity_poly.entity_id
_entity_poly.type
_entity_poly.pdbx_seq_one_letter_code
_entity_poly.pdbx_strand_id
1 'polypeptide(L)'
;NQGTVNWSVEDIVKGINSNNLESQLQATQAARKLLSREKQPPIDNIIRAGLIPKFVSFLGKTDCSPIQFESAWALTNIAS
GTSEQTKAVVDGGAIPAFISLLASPHAHISEQAVWALGNIAGDGSAFRDLVIKHGAIDPLLALLAVPDLSTLACGYLRNL
TWTLSNLCRNKNPAPPLDAVEQILPTLVRLLHHNDPEVLADSCWAISYLTDGPNERIEMVVKKGVVPQLVKLLGATELPI
VTPALRAIGNIVTGTDEQTQKVIDAGALAVFPSLLTNPKTNIQKEATWTMSNITAGRQDQIQQVVNHGLVPFLVGVLSKA
DFKTQKEAAWAITNYTSGGTVEQIVYLVHCGIIEPLMNLLSAKDTKIIQVILDAISNIFQAAEKLGETEKLSIMIEECGG
LDKIEALQRHENESVYKASLNLIEKYFS
;
E
2 'polypeptide(L)' DKEEVQRKRQKLMP B
3 'polypeptide(L)' DRHRIEEKRKRTYETFKSIMKK C
#
# COMPACT_ATOMS: atom_id res chain seq x y z
N ASN A 6 -21.61 -27.45 -18.11
CA ASN A 6 -22.83 -26.88 -18.68
C ASN A 6 -24.16 -27.40 -18.12
N TRP A 7 -24.25 -27.52 -16.80
CA TRP A 7 -25.54 -27.79 -16.18
C TRP A 7 -26.30 -26.48 -15.96
N SER A 8 -27.60 -26.61 -15.72
CA SER A 8 -28.40 -25.50 -15.24
C SER A 8 -28.40 -25.48 -13.72
N VAL A 9 -28.74 -24.32 -13.15
CA VAL A 9 -28.82 -24.22 -11.69
C VAL A 9 -29.92 -25.13 -11.16
N GLU A 10 -31.04 -25.21 -11.90
CA GLU A 10 -32.11 -26.13 -11.55
C GLU A 10 -31.63 -27.57 -11.44
N ASP A 11 -30.81 -28.01 -12.41
CA ASP A 11 -30.23 -29.35 -12.36
C ASP A 11 -29.27 -29.49 -11.17
N ILE A 12 -28.48 -28.47 -10.89
CA ILE A 12 -27.56 -28.53 -9.76
C ILE A 12 -28.33 -28.68 -8.46
N VAL A 13 -29.43 -27.95 -8.32
CA VAL A 13 -30.26 -28.08 -7.13
C VAL A 13 -30.83 -29.49 -7.01
N LYS A 14 -31.26 -30.06 -8.14
CA LYS A 14 -31.79 -31.44 -8.12
C LYS A 14 -30.71 -32.42 -7.67
N GLY A 15 -29.49 -32.26 -8.18
CA GLY A 15 -28.41 -33.13 -7.76
C GLY A 15 -28.03 -32.92 -6.30
N ILE A 16 -28.06 -31.68 -5.82
CA ILE A 16 -27.67 -31.42 -4.44
C ILE A 16 -28.67 -32.03 -3.47
N ASN A 17 -29.96 -31.96 -3.80
CA ASN A 17 -31.02 -32.45 -2.93
C ASN A 17 -31.35 -33.91 -3.16
N SER A 18 -30.56 -34.62 -3.98
CA SER A 18 -30.82 -36.02 -4.25
C SER A 18 -30.54 -36.91 -3.05
N ASN A 19 -29.76 -36.42 -2.07
CA ASN A 19 -29.28 -37.23 -0.96
C ASN A 19 -28.47 -38.44 -1.43
N ASN A 20 -27.89 -38.32 -2.63
CA ASN A 20 -27.01 -39.32 -3.22
C ASN A 20 -25.65 -38.68 -3.34
N LEU A 21 -24.67 -39.19 -2.60
CA LEU A 21 -23.40 -38.49 -2.46
C LEU A 21 -22.72 -38.29 -3.81
N GLU A 22 -22.75 -39.31 -4.68
CA GLU A 22 -22.13 -39.17 -5.98
C GLU A 22 -22.87 -38.16 -6.84
N SER A 23 -24.20 -38.12 -6.73
CA SER A 23 -24.96 -37.11 -7.46
C SER A 23 -24.62 -35.72 -6.95
N GLN A 24 -24.55 -35.57 -5.63
CA GLN A 24 -24.13 -34.30 -5.04
C GLN A 24 -22.71 -33.92 -5.47
N LEU A 25 -21.81 -34.89 -5.58
CA LEU A 25 -20.45 -34.58 -6.01
C LEU A 25 -20.44 -34.06 -7.44
N GLN A 26 -21.25 -34.68 -8.31
CA GLN A 26 -21.28 -34.27 -9.71
C GLN A 26 -21.95 -32.91 -9.88
N ALA A 27 -23.02 -32.66 -9.12
CA ALA A 27 -23.68 -31.36 -9.17
C ALA A 27 -22.79 -30.27 -8.59
N THR A 28 -21.99 -30.59 -7.58
CA THR A 28 -21.11 -29.58 -7.00
C THR A 28 -19.98 -29.24 -7.96
N GLN A 29 -19.43 -30.24 -8.63
CA GLN A 29 -18.45 -29.97 -9.67
C GLN A 29 -19.06 -29.12 -10.79
N ALA A 30 -20.31 -29.40 -11.17
CA ALA A 30 -20.97 -28.58 -12.18
C ALA A 30 -21.15 -27.15 -11.68
N ALA A 31 -21.48 -26.99 -10.40
CA ALA A 31 -21.58 -25.66 -9.81
C ALA A 31 -20.23 -24.96 -9.78
N ARG A 32 -19.16 -25.71 -9.46
CA ARG A 32 -17.83 -25.13 -9.47
C ARG A 32 -17.46 -24.64 -10.87
N LYS A 33 -17.81 -25.41 -11.90
CA LYS A 33 -17.48 -25.00 -13.27
C LYS A 33 -18.24 -23.74 -13.67
N LEU A 34 -19.50 -23.62 -13.26
CA LEU A 34 -20.27 -22.41 -13.52
C LEU A 34 -19.64 -21.21 -12.82
N LEU A 35 -19.32 -21.37 -11.53
CA LEU A 35 -18.79 -20.30 -10.69
C LEU A 35 -17.37 -19.91 -11.06
N SER A 36 -16.73 -20.67 -11.96
CA SER A 36 -15.34 -20.45 -12.29
C SER A 36 -15.16 -19.93 -13.72
N ARG A 37 -16.25 -19.51 -14.37
CA ARG A 37 -16.14 -18.74 -15.60
C ARG A 37 -16.15 -17.26 -15.24
N GLU A 38 -15.27 -16.50 -15.89
CA GLU A 38 -14.99 -15.17 -15.38
C GLU A 38 -15.84 -14.05 -15.97
N LYS A 39 -16.50 -14.28 -17.10
CA LYS A 39 -17.46 -13.32 -17.63
C LYS A 39 -18.83 -13.68 -17.10
N GLN A 40 -19.19 -13.06 -15.96
CA GLN A 40 -20.47 -13.13 -15.26
C GLN A 40 -20.82 -14.53 -14.76
N PRO A 41 -20.15 -15.03 -13.73
CA PRO A 41 -20.59 -16.31 -13.09
C PRO A 41 -21.87 -16.10 -12.29
N PRO A 42 -22.78 -17.09 -12.27
CA PRO A 42 -24.09 -16.91 -11.61
C PRO A 42 -23.99 -17.06 -10.09
N ILE A 43 -23.21 -16.18 -9.46
CA ILE A 43 -23.04 -16.22 -8.00
C ILE A 43 -24.38 -15.99 -7.31
N ASP A 44 -25.09 -14.92 -7.68
CA ASP A 44 -26.34 -14.62 -7.00
C ASP A 44 -27.37 -15.72 -7.22
N ASN A 45 -27.33 -16.38 -8.37
CA ASN A 45 -28.25 -17.47 -8.64
C ASN A 45 -27.96 -18.67 -7.74
N ILE A 46 -26.69 -19.01 -7.56
CA ILE A 46 -26.32 -20.07 -6.63
C ILE A 46 -26.75 -19.71 -5.21
N ILE A 47 -26.53 -18.45 -4.80
CA ILE A 47 -26.87 -18.04 -3.43
C ILE A 47 -28.37 -18.11 -3.22
N ARG A 48 -29.16 -17.57 -4.16
CA ARG A 48 -30.61 -17.55 -4.03
C ARG A 48 -31.22 -18.96 -4.03
N ALA A 49 -30.53 -19.93 -4.64
CA ALA A 49 -31.00 -21.32 -4.61
C ALA A 49 -30.84 -22.00 -3.26
N GLY A 50 -30.09 -21.41 -2.32
CA GLY A 50 -29.90 -22.04 -1.03
C GLY A 50 -28.78 -23.07 -0.97
N LEU A 51 -27.84 -23.03 -1.91
CA LEU A 51 -26.81 -24.07 -2.00
C LEU A 51 -25.67 -23.88 -1.02
N ILE A 52 -25.51 -22.68 -0.44
CA ILE A 52 -24.33 -22.41 0.38
C ILE A 52 -24.28 -23.28 1.64
N PRO A 53 -25.36 -23.42 2.42
CA PRO A 53 -25.27 -24.35 3.57
C PRO A 53 -24.91 -25.78 3.17
N LYS A 54 -25.41 -26.26 2.02
CA LYS A 54 -25.04 -27.59 1.57
C LYS A 54 -23.56 -27.67 1.22
N PHE A 55 -23.06 -26.65 0.51
CA PHE A 55 -21.63 -26.61 0.20
C PHE A 55 -20.78 -26.62 1.47
N VAL A 56 -21.19 -25.88 2.50
CA VAL A 56 -20.42 -25.85 3.75
C VAL A 56 -20.44 -27.23 4.40
N SER A 57 -21.59 -27.90 4.39
CA SER A 57 -21.67 -29.23 4.98
C SER A 57 -20.78 -30.22 4.23
N PHE A 58 -20.65 -30.06 2.91
CA PHE A 58 -19.76 -30.92 2.13
C PHE A 58 -18.30 -30.71 2.50
N LEU A 59 -17.95 -29.53 3.03
CA LEU A 59 -16.57 -29.27 3.44
C LEU A 59 -16.11 -30.27 4.51
N GLY A 60 -17.03 -30.80 5.31
CA GLY A 60 -16.69 -31.72 6.37
C GLY A 60 -16.84 -33.19 6.04
N LYS A 61 -17.04 -33.55 4.76
CA LYS A 61 -17.16 -34.96 4.39
C LYS A 61 -15.76 -35.48 4.08
N THR A 62 -15.01 -35.75 5.15
CA THR A 62 -13.64 -36.24 5.01
C THR A 62 -13.59 -37.60 4.32
N ASP A 63 -14.69 -38.36 4.31
CA ASP A 63 -14.73 -39.60 3.55
C ASP A 63 -14.66 -39.35 2.05
N CYS A 64 -15.27 -38.26 1.57
CA CYS A 64 -15.26 -37.91 0.16
C CYS A 64 -14.47 -36.61 -0.03
N SER A 65 -13.16 -36.75 -0.22
CA SER A 65 -12.31 -35.57 -0.40
C SER A 65 -12.56 -34.84 -1.72
N PRO A 66 -12.97 -35.52 -2.80
CA PRO A 66 -13.36 -34.76 -4.01
C PRO A 66 -14.49 -33.77 -3.77
N ILE A 67 -15.55 -34.14 -3.03
CA ILE A 67 -16.60 -33.16 -2.80
C ILE A 67 -16.12 -32.05 -1.87
N GLN A 68 -15.12 -32.34 -1.03
CA GLN A 68 -14.50 -31.28 -0.22
C GLN A 68 -13.83 -30.26 -1.13
N PHE A 69 -13.03 -30.74 -2.08
CA PHE A 69 -12.32 -29.85 -2.99
C PHE A 69 -13.27 -29.04 -3.86
N GLU A 70 -14.30 -29.69 -4.43
CA GLU A 70 -15.26 -28.98 -5.26
C GLU A 70 -16.04 -27.93 -4.47
N SER A 71 -16.50 -28.27 -3.27
CA SER A 71 -17.21 -27.31 -2.44
C SER A 71 -16.30 -26.15 -2.05
N ALA A 72 -15.04 -26.45 -1.73
CA ALA A 72 -14.12 -25.38 -1.35
C ALA A 72 -13.89 -24.44 -2.51
N TRP A 73 -13.67 -25.00 -3.70
CA TRP A 73 -13.49 -24.17 -4.90
C TRP A 73 -14.73 -23.34 -5.17
N ALA A 74 -15.92 -23.97 -5.08
CA ALA A 74 -17.15 -23.24 -5.36
C ALA A 74 -17.40 -22.14 -4.33
N LEU A 75 -17.19 -22.45 -3.03
CA LEU A 75 -17.35 -21.42 -2.01
C LEU A 75 -16.30 -20.33 -2.14
N THR A 76 -15.07 -20.69 -2.55
CA THR A 76 -14.03 -19.69 -2.79
C THR A 76 -14.49 -18.65 -3.79
N ASN A 77 -15.10 -19.10 -4.90
CA ASN A 77 -15.50 -18.18 -5.95
C ASN A 77 -16.73 -17.36 -5.57
N ILE A 78 -17.65 -17.92 -4.77
CA ILE A 78 -18.72 -17.07 -4.22
C ILE A 78 -18.12 -16.00 -3.33
N ALA A 79 -17.19 -16.37 -2.45
CA ALA A 79 -16.56 -15.41 -1.56
C ALA A 79 -15.65 -14.42 -2.29
N SER A 80 -15.32 -14.68 -3.56
CA SER A 80 -14.52 -13.73 -4.33
C SER A 80 -15.33 -12.53 -4.81
N GLY A 81 -16.66 -12.55 -4.71
CA GLY A 81 -17.49 -11.49 -5.24
C GLY A 81 -17.68 -10.29 -4.32
N THR A 82 -18.89 -9.71 -4.34
CA THR A 82 -19.21 -8.55 -3.51
C THR A 82 -19.22 -8.91 -2.03
N SER A 83 -19.28 -7.87 -1.19
CA SER A 83 -19.31 -8.08 0.25
C SER A 83 -20.57 -8.82 0.67
N GLU A 84 -21.68 -8.61 -0.05
CA GLU A 84 -22.92 -9.33 0.25
C GLU A 84 -22.77 -10.81 -0.08
N GLN A 85 -22.09 -11.13 -1.17
CA GLN A 85 -21.86 -12.54 -1.51
C GLN A 85 -20.88 -13.18 -0.55
N THR A 86 -19.84 -12.45 -0.15
CA THR A 86 -18.90 -12.98 0.84
C THR A 86 -19.60 -13.18 2.19
N LYS A 87 -20.48 -12.23 2.56
CA LYS A 87 -21.26 -12.39 3.78
C LYS A 87 -22.10 -13.66 3.72
N ALA A 88 -22.65 -13.98 2.54
CA ALA A 88 -23.43 -15.20 2.40
C ALA A 88 -22.60 -16.43 2.72
N VAL A 89 -21.34 -16.44 2.28
CA VAL A 89 -20.46 -17.57 2.61
C VAL A 89 -20.22 -17.64 4.11
N VAL A 90 -19.98 -16.48 4.75
CA VAL A 90 -19.69 -16.47 6.18
C VAL A 90 -20.93 -16.86 7.00
N ASP A 91 -22.11 -16.42 6.55
CA ASP A 91 -23.34 -16.72 7.27
C ASP A 91 -23.68 -18.19 7.27
N GLY A 92 -23.22 -18.94 6.26
CA GLY A 92 -23.34 -20.39 6.22
C GLY A 92 -22.37 -21.17 7.06
N GLY A 93 -21.63 -20.52 7.97
CA GLY A 93 -20.71 -21.21 8.86
C GLY A 93 -19.44 -21.69 8.20
N ALA A 94 -19.05 -21.05 7.10
CA ALA A 94 -17.91 -21.52 6.31
C ALA A 94 -16.56 -21.33 6.98
N ILE A 95 -16.42 -20.35 7.88
CA ILE A 95 -15.11 -20.00 8.42
C ILE A 95 -14.54 -21.16 9.23
N PRO A 96 -15.23 -21.69 10.26
CA PRO A 96 -14.63 -22.81 11.00
C PRO A 96 -14.43 -24.06 10.14
N ALA A 97 -15.23 -24.23 9.08
CA ALA A 97 -15.08 -25.40 8.22
C ALA A 97 -13.82 -25.30 7.37
N PHE A 98 -13.55 -24.13 6.81
CA PHE A 98 -12.31 -23.91 6.07
C PHE A 98 -11.10 -24.03 6.97
N ILE A 99 -11.20 -23.56 8.22
CA ILE A 99 -10.06 -23.65 9.13
C ILE A 99 -9.77 -25.11 9.44
N SER A 100 -10.81 -25.95 9.56
CA SER A 100 -10.58 -27.38 9.72
C SER A 100 -9.92 -27.97 8.48
N LEU A 101 -10.35 -27.54 7.29
CA LEU A 101 -9.77 -28.06 6.06
C LEU A 101 -8.27 -27.73 5.94
N LEU A 102 -7.80 -26.70 6.64
CA LEU A 102 -6.37 -26.39 6.62
C LEU A 102 -5.54 -27.60 7.01
N ALA A 103 -6.08 -28.46 7.86
CA ALA A 103 -5.39 -29.66 8.32
C ALA A 103 -5.65 -30.87 7.41
N SER A 104 -6.13 -30.66 6.19
CA SER A 104 -6.40 -31.78 5.30
C SER A 104 -5.08 -32.41 4.84
N PRO A 105 -5.01 -33.75 4.77
CA PRO A 105 -3.79 -34.41 4.27
C PRO A 105 -3.56 -34.21 2.78
N HIS A 106 -4.54 -33.65 2.05
CA HIS A 106 -4.43 -33.38 0.62
C HIS A 106 -4.07 -31.92 0.41
N ALA A 107 -2.95 -31.70 -0.28
CA ALA A 107 -2.40 -30.35 -0.39
C ALA A 107 -3.34 -29.42 -1.13
N HIS A 108 -3.95 -29.91 -2.23
CA HIS A 108 -4.83 -29.06 -3.03
C HIS A 108 -6.07 -28.62 -2.25
N ILE A 109 -6.56 -29.47 -1.34
CA ILE A 109 -7.72 -29.12 -0.54
C ILE A 109 -7.37 -28.05 0.48
N SER A 110 -6.33 -28.29 1.29
CA SER A 110 -5.90 -27.28 2.24
C SER A 110 -5.47 -25.99 1.54
N GLU A 111 -4.85 -26.10 0.35
CA GLU A 111 -4.51 -24.92 -0.43
C GLU A 111 -5.76 -24.11 -0.77
N GLN A 112 -6.85 -24.82 -1.12
CA GLN A 112 -8.11 -24.16 -1.46
C GLN A 112 -8.77 -23.54 -0.23
N ALA A 113 -8.67 -24.20 0.92
CA ALA A 113 -9.10 -23.57 2.17
C ALA A 113 -8.30 -22.29 2.45
N VAL A 114 -7.01 -22.29 2.10
CA VAL A 114 -6.20 -21.07 2.29
C VAL A 114 -6.73 -19.95 1.41
N TRP A 115 -7.01 -20.29 0.15
CA TRP A 115 -7.55 -19.32 -0.81
C TRP A 115 -8.89 -18.76 -0.33
N ALA A 116 -9.80 -19.65 0.09
CA ALA A 116 -11.11 -19.21 0.56
C ALA A 116 -10.99 -18.24 1.74
N LEU A 117 -10.22 -18.64 2.76
CA LEU A 117 -9.99 -17.76 3.91
C LEU A 117 -9.38 -16.43 3.49
N GLY A 118 -8.51 -16.44 2.47
CA GLY A 118 -7.99 -15.19 1.97
C GLY A 118 -9.06 -14.29 1.40
N ASN A 119 -10.01 -14.88 0.67
CA ASN A 119 -11.10 -14.09 0.09
C ASN A 119 -11.99 -13.50 1.16
N ILE A 120 -12.20 -14.24 2.25
CA ILE A 120 -13.07 -13.77 3.32
C ILE A 120 -12.40 -12.64 4.11
N ALA A 121 -11.13 -12.83 4.48
CA ALA A 121 -10.42 -11.77 5.19
C ALA A 121 -10.18 -10.56 4.31
N GLY A 122 -10.12 -10.75 2.98
CA GLY A 122 -9.92 -9.63 2.07
C GLY A 122 -11.11 -8.71 1.90
N ASP A 123 -12.22 -9.00 2.59
CA ASP A 123 -13.42 -8.18 2.45
C ASP A 123 -13.38 -6.93 3.32
N GLY A 124 -12.64 -6.96 4.40
CA GLY A 124 -12.60 -5.80 5.27
C GLY A 124 -12.20 -6.17 6.67
N SER A 125 -12.19 -5.13 7.52
CA SER A 125 -11.69 -5.26 8.88
C SER A 125 -12.42 -6.37 9.63
N ALA A 126 -13.76 -6.33 9.61
CA ALA A 126 -14.56 -7.21 10.43
C ALA A 126 -14.35 -8.69 10.07
N PHE A 127 -14.40 -9.03 8.78
CA PHE A 127 -14.24 -10.44 8.43
C PHE A 127 -12.82 -10.90 8.67
N ARG A 128 -11.83 -10.02 8.44
CA ARG A 128 -10.45 -10.35 8.77
C ARG A 128 -10.33 -10.67 10.26
N ASP A 129 -10.91 -9.81 11.10
CA ASP A 129 -10.88 -10.05 12.54
C ASP A 129 -11.67 -11.28 12.92
N LEU A 130 -12.75 -11.58 12.19
CA LEU A 130 -13.55 -12.76 12.51
C LEU A 130 -12.80 -14.04 12.14
N VAL A 131 -12.06 -14.01 11.02
CA VAL A 131 -11.20 -15.13 10.67
C VAL A 131 -10.12 -15.34 11.74
N ILE A 132 -9.50 -14.25 12.22
CA ILE A 132 -8.49 -14.39 13.28
C ILE A 132 -9.13 -14.95 14.55
N LYS A 133 -10.30 -14.43 14.93
CA LYS A 133 -10.97 -14.91 16.15
C LYS A 133 -11.37 -16.37 16.05
N HIS A 134 -11.54 -16.90 14.84
CA HIS A 134 -11.83 -18.31 14.67
C HIS A 134 -10.58 -19.17 14.70
N GLY A 135 -9.42 -18.57 14.95
CA GLY A 135 -8.19 -19.34 15.11
C GLY A 135 -7.52 -19.79 13.83
N ALA A 136 -7.56 -18.98 12.76
CA ALA A 136 -6.96 -19.39 11.50
C ALA A 136 -5.44 -19.23 11.48
N ILE A 137 -4.88 -18.41 12.37
CA ILE A 137 -3.47 -18.05 12.22
C ILE A 137 -2.58 -19.25 12.55
N ASP A 138 -2.86 -19.95 13.66
CA ASP A 138 -2.05 -21.11 14.03
C ASP A 138 -1.93 -22.11 12.88
N PRO A 139 -3.02 -22.65 12.31
CA PRO A 139 -2.84 -23.65 11.24
C PRO A 139 -2.28 -23.07 9.96
N LEU A 140 -2.54 -21.79 9.67
CA LEU A 140 -1.96 -21.16 8.49
C LEU A 140 -0.43 -21.12 8.60
N LEU A 141 0.08 -20.64 9.73
CA LEU A 141 1.53 -20.57 9.91
C LEU A 141 2.14 -21.96 10.03
N ALA A 142 1.37 -22.95 10.50
CA ALA A 142 1.89 -24.30 10.63
C ALA A 142 2.11 -24.96 9.27
N LEU A 143 1.37 -24.50 8.24
CA LEU A 143 1.62 -24.95 6.87
C LEU A 143 2.98 -24.50 6.34
N LEU A 144 3.56 -23.45 6.93
CA LEU A 144 4.84 -22.90 6.50
C LEU A 144 5.99 -23.31 7.42
N ALA A 145 5.74 -24.23 8.34
CA ALA A 145 6.74 -24.61 9.34
C ALA A 145 7.73 -25.62 8.75
N VAL A 146 8.46 -25.16 7.73
CA VAL A 146 9.51 -25.97 7.12
C VAL A 146 10.84 -25.23 7.28
N PRO A 147 11.98 -25.94 7.33
CA PRO A 147 13.26 -25.22 7.43
C PRO A 147 13.62 -24.44 6.17
N ASP A 148 13.13 -24.86 5.01
CA ASP A 148 13.46 -24.22 3.73
C ASP A 148 12.19 -24.15 2.88
N LEU A 149 11.73 -22.93 2.61
CA LEU A 149 10.49 -22.72 1.87
C LEU A 149 10.56 -23.25 0.45
N SER A 150 11.75 -23.40 -0.11
CA SER A 150 11.87 -23.90 -1.47
C SER A 150 11.32 -25.32 -1.63
N THR A 151 11.17 -26.07 -0.53
CA THR A 151 10.63 -27.42 -0.64
C THR A 151 9.13 -27.45 -0.79
N LEU A 152 8.47 -26.31 -0.57
CA LEU A 152 7.03 -26.22 -0.77
C LEU A 152 6.72 -25.98 -2.25
N ALA A 153 5.54 -26.43 -2.65
CA ALA A 153 5.07 -26.18 -4.00
C ALA A 153 4.91 -24.69 -4.22
N CYS A 154 5.23 -24.27 -5.44
CA CYS A 154 5.27 -22.85 -5.77
C CYS A 154 3.91 -22.18 -5.57
N GLY A 155 2.87 -22.71 -6.20
CA GLY A 155 1.55 -22.11 -6.06
C GLY A 155 1.00 -22.19 -4.65
N TYR A 156 1.32 -23.29 -3.95
CA TYR A 156 0.98 -23.40 -2.52
C TYR A 156 1.56 -22.24 -1.73
N LEU A 157 2.86 -21.98 -1.91
CA LEU A 157 3.51 -20.90 -1.18
C LEU A 157 2.90 -19.55 -1.53
N ARG A 158 2.68 -19.30 -2.83
CA ARG A 158 2.07 -18.05 -3.27
C ARG A 158 0.71 -17.83 -2.61
N ASN A 159 -0.12 -18.88 -2.51
CA ASN A 159 -1.46 -18.72 -1.96
C ASN A 159 -1.42 -18.38 -0.47
N LEU A 160 -0.55 -19.05 0.30
CA LEU A 160 -0.37 -18.73 1.71
C LEU A 160 0.13 -17.29 1.90
N THR A 161 1.11 -16.87 1.11
CA THR A 161 1.62 -15.51 1.26
C THR A 161 0.53 -14.50 1.00
N TRP A 162 -0.27 -14.73 -0.05
CA TRP A 162 -1.34 -13.78 -0.36
C TRP A 162 -2.40 -13.76 0.73
N THR A 163 -2.81 -14.92 1.24
CA THR A 163 -3.78 -14.95 2.32
C THR A 163 -3.21 -14.29 3.59
N LEU A 164 -1.93 -14.49 3.87
CA LEU A 164 -1.32 -13.82 5.02
C LEU A 164 -1.29 -12.30 4.81
N SER A 165 -1.03 -11.85 3.59
CA SER A 165 -1.04 -10.41 3.33
C SER A 165 -2.41 -9.80 3.57
N ASN A 166 -3.48 -10.57 3.32
CA ASN A 166 -4.84 -10.08 3.55
C ASN A 166 -5.19 -10.02 5.04
N LEU A 167 -4.56 -10.90 5.84
CA LEU A 167 -4.73 -10.82 7.28
C LEU A 167 -4.00 -9.62 7.88
N CYS A 168 -3.00 -9.09 7.18
CA CYS A 168 -2.30 -7.89 7.63
C CYS A 168 -2.90 -6.60 7.07
N ARG A 169 -3.87 -6.71 6.16
CA ARG A 169 -4.41 -5.60 5.38
C ARG A 169 -5.54 -4.89 6.12
N ASN A 170 -5.80 -3.64 5.71
CA ASN A 170 -6.96 -2.83 6.10
C ASN A 170 -6.74 -2.13 7.44
N LYS A 171 -7.47 -1.05 7.67
CA LYS A 171 -7.44 -0.27 8.90
C LYS A 171 -8.87 -0.04 9.39
N ASN A 172 -8.99 0.78 10.45
CA ASN A 172 -10.21 1.03 11.21
C ASN A 172 -10.99 -0.27 11.45
N PRO A 173 -10.49 -1.19 12.29
CA PRO A 173 -9.21 -1.06 12.99
C PRO A 173 -8.09 -1.81 12.29
N ALA A 174 -6.84 -1.47 12.60
CA ALA A 174 -5.71 -2.27 12.16
C ALA A 174 -5.84 -3.67 12.77
N PRO A 175 -5.13 -4.66 12.23
CA PRO A 175 -5.21 -6.01 12.79
C PRO A 175 -4.71 -6.02 14.22
N PRO A 176 -5.16 -6.97 15.04
CA PRO A 176 -4.67 -7.02 16.43
C PRO A 176 -3.15 -7.13 16.46
N LEU A 177 -2.52 -6.25 17.23
CA LEU A 177 -1.05 -6.27 17.38
C LEU A 177 -0.57 -7.67 17.70
N ASP A 178 -1.24 -8.33 18.65
CA ASP A 178 -0.89 -9.66 19.12
C ASP A 178 -1.05 -10.76 18.06
N ALA A 179 -1.70 -10.46 16.94
CA ALA A 179 -1.71 -11.35 15.80
C ALA A 179 -0.66 -10.94 14.77
N VAL A 180 -0.37 -9.64 14.69
CA VAL A 180 0.74 -9.18 13.86
C VAL A 180 2.07 -9.73 14.40
N GLU A 181 2.24 -9.69 15.73
CA GLU A 181 3.43 -10.28 16.31
C GLU A 181 3.54 -11.76 15.94
N GLN A 182 2.43 -12.48 15.96
CA GLN A 182 2.42 -13.91 15.60
C GLN A 182 2.82 -14.13 14.14
N ILE A 183 2.44 -13.22 13.26
CA ILE A 183 2.66 -13.40 11.83
C ILE A 183 4.03 -12.91 11.39
N LEU A 184 4.52 -11.81 11.99
CA LEU A 184 5.73 -11.13 11.52
C LEU A 184 6.92 -12.03 11.20
N PRO A 185 7.36 -12.95 12.07
CA PRO A 185 8.53 -13.79 11.73
C PRO A 185 8.38 -14.59 10.44
N THR A 186 7.21 -15.21 10.22
CA THR A 186 6.94 -15.85 8.95
C THR A 186 6.95 -14.85 7.80
N LEU A 187 6.39 -13.66 8.01
CA LEU A 187 6.38 -12.64 6.97
C LEU A 187 7.80 -12.24 6.55
N VAL A 188 8.70 -12.03 7.53
CA VAL A 188 10.09 -11.71 7.20
C VAL A 188 10.73 -12.84 6.40
N ARG A 189 10.43 -14.09 6.77
CA ARG A 189 10.94 -15.24 6.03
C ARG A 189 10.49 -15.22 4.56
N LEU A 190 9.20 -14.94 4.32
CA LEU A 190 8.71 -14.86 2.94
C LEU A 190 9.30 -13.69 2.20
N LEU A 191 9.65 -12.62 2.92
CA LEU A 191 10.25 -11.44 2.32
C LEU A 191 11.65 -11.70 1.78
N HIS A 192 12.32 -12.75 2.27
CA HIS A 192 13.64 -13.12 1.78
C HIS A 192 13.59 -14.28 0.80
N HIS A 193 12.39 -14.69 0.37
CA HIS A 193 12.20 -15.84 -0.50
C HIS A 193 12.30 -15.42 -1.97
N ASN A 194 13.05 -16.19 -2.74
CA ASN A 194 13.37 -15.82 -4.12
C ASN A 194 12.27 -16.27 -5.09
N ASP A 195 11.11 -15.60 -4.98
CA ASP A 195 10.01 -15.73 -5.93
C ASP A 195 9.30 -14.38 -6.09
N PRO A 196 9.25 -13.85 -7.31
CA PRO A 196 8.81 -12.46 -7.49
C PRO A 196 7.42 -12.18 -6.94
N GLU A 197 6.54 -13.17 -6.94
CA GLU A 197 5.18 -12.94 -6.48
C GLU A 197 5.01 -13.18 -4.99
N VAL A 198 5.79 -14.10 -4.40
CA VAL A 198 5.88 -14.15 -2.94
C VAL A 198 6.52 -12.86 -2.42
N LEU A 199 7.50 -12.34 -3.15
CA LEU A 199 8.15 -11.09 -2.76
C LEU A 199 7.16 -9.94 -2.79
N ALA A 200 6.39 -9.84 -3.86
CA ALA A 200 5.46 -8.74 -4.01
C ALA A 200 4.38 -8.78 -2.92
N ASP A 201 3.88 -9.97 -2.59
CA ASP A 201 2.81 -10.06 -1.61
C ASP A 201 3.33 -9.80 -0.19
N SER A 202 4.54 -10.25 0.13
CA SER A 202 5.14 -9.92 1.42
C SER A 202 5.35 -8.41 1.56
N CYS A 203 5.82 -7.77 0.47
CA CYS A 203 5.98 -6.32 0.52
C CYS A 203 4.66 -5.60 0.74
N TRP A 204 3.58 -6.11 0.14
CA TRP A 204 2.27 -5.53 0.39
C TRP A 204 1.91 -5.64 1.87
N ALA A 205 2.03 -6.86 2.42
CA ALA A 205 1.80 -7.07 3.84
C ALA A 205 2.62 -6.08 4.69
N ILE A 206 3.92 -5.96 4.39
CA ILE A 206 4.78 -5.07 5.16
C ILE A 206 4.32 -3.62 5.02
N SER A 207 3.94 -3.22 3.80
CA SER A 207 3.40 -1.88 3.59
C SER A 207 2.11 -1.66 4.36
N TYR A 208 1.25 -2.68 4.50
CA TYR A 208 0.04 -2.51 5.31
C TYR A 208 0.39 -2.29 6.77
N LEU A 209 1.29 -3.13 7.31
CA LEU A 209 1.64 -3.08 8.72
C LEU A 209 2.34 -1.78 9.11
N THR A 210 3.02 -1.12 8.17
CA THR A 210 3.74 0.12 8.47
C THR A 210 2.88 1.36 8.23
N ASP A 211 1.58 1.20 8.04
CA ASP A 211 0.67 2.31 7.81
C ASP A 211 -0.09 2.60 9.11
N GLY A 212 0.22 3.73 9.73
CA GLY A 212 -0.43 4.13 10.95
C GLY A 212 0.53 4.65 11.99
N PRO A 213 0.25 4.37 13.26
CA PRO A 213 1.03 4.95 14.35
C PRO A 213 2.47 4.46 14.36
N ASN A 214 3.37 5.32 14.85
CA ASN A 214 4.79 4.99 14.86
C ASN A 214 5.09 3.73 15.67
N GLU A 215 4.22 3.36 16.62
CA GLU A 215 4.40 2.12 17.37
C GLU A 215 4.37 0.90 16.45
N ARG A 216 3.44 0.90 15.49
CA ARG A 216 3.38 -0.21 14.54
C ARG A 216 4.53 -0.15 13.54
N ILE A 217 5.00 1.04 13.21
CA ILE A 217 6.19 1.15 12.35
C ILE A 217 7.38 0.53 13.05
N GLU A 218 7.58 0.89 14.32
CA GLU A 218 8.70 0.33 15.07
C GLU A 218 8.56 -1.18 15.21
N MET A 219 7.35 -1.68 15.13
CA MET A 219 7.18 -3.09 15.36
C MET A 219 7.69 -3.88 14.14
N VAL A 220 7.51 -3.32 12.94
CA VAL A 220 8.08 -3.92 11.74
C VAL A 220 9.59 -3.66 11.69
N VAL A 221 10.02 -2.49 12.12
CA VAL A 221 11.41 -2.10 11.92
C VAL A 221 12.35 -2.91 12.82
N LYS A 222 11.93 -3.28 14.04
CA LYS A 222 12.93 -3.99 14.84
C LYS A 222 13.12 -5.45 14.40
N LYS A 223 12.37 -5.92 13.39
CA LYS A 223 12.62 -7.23 12.79
C LYS A 223 13.72 -7.21 11.73
N GLY A 224 14.25 -6.03 11.38
CA GLY A 224 15.36 -5.94 10.45
C GLY A 224 15.00 -5.92 8.97
N VAL A 225 13.74 -5.64 8.64
CA VAL A 225 13.32 -5.75 7.25
C VAL A 225 13.75 -4.57 6.38
N VAL A 226 14.27 -3.49 6.97
CA VAL A 226 14.58 -2.30 6.18
C VAL A 226 15.66 -2.57 5.14
N PRO A 227 16.79 -3.20 5.46
CA PRO A 227 17.75 -3.52 4.38
C PRO A 227 17.13 -4.35 3.26
N GLN A 228 16.30 -5.35 3.58
CA GLN A 228 15.69 -6.13 2.50
C GLN A 228 14.72 -5.27 1.69
N LEU A 229 13.96 -4.40 2.35
CA LEU A 229 13.06 -3.49 1.63
C LEU A 229 13.83 -2.63 0.64
N VAL A 230 15.01 -2.14 1.04
CA VAL A 230 15.81 -1.30 0.16
C VAL A 230 16.40 -2.12 -0.99
N LYS A 231 16.86 -3.33 -0.69
CA LYS A 231 17.25 -4.25 -1.75
C LYS A 231 16.11 -4.43 -2.76
N LEU A 232 14.89 -4.70 -2.27
CA LEU A 232 13.77 -4.91 -3.18
C LEU A 232 13.35 -3.61 -3.87
N LEU A 233 13.62 -2.48 -3.22
CA LEU A 233 13.38 -1.19 -3.86
C LEU A 233 14.15 -1.06 -5.17
N GLY A 234 15.32 -1.68 -5.25
CA GLY A 234 16.12 -1.63 -6.45
C GLY A 234 15.81 -2.73 -7.44
N ALA A 235 14.70 -3.45 -7.26
CA ALA A 235 14.33 -4.50 -8.21
C ALA A 235 13.93 -3.90 -9.55
N THR A 236 13.96 -4.74 -10.57
CA THR A 236 13.48 -4.35 -11.89
C THR A 236 12.00 -4.61 -12.07
N GLU A 237 11.45 -5.61 -11.37
CA GLU A 237 10.03 -5.91 -11.41
C GLU A 237 9.22 -4.81 -10.74
N LEU A 238 8.41 -4.10 -11.52
CA LEU A 238 7.54 -3.09 -10.96
C LEU A 238 6.58 -3.62 -9.88
N PRO A 239 5.97 -4.80 -10.02
CA PRO A 239 5.11 -5.29 -8.92
C PRO A 239 5.86 -5.53 -7.61
N ILE A 240 7.18 -5.53 -7.62
CA ILE A 240 7.92 -5.63 -6.36
C ILE A 240 8.28 -4.25 -5.84
N VAL A 241 8.70 -3.34 -6.72
CA VAL A 241 9.12 -2.02 -6.28
C VAL A 241 7.94 -1.26 -5.69
N THR A 242 6.75 -1.41 -6.28
CA THR A 242 5.62 -0.60 -5.84
C THR A 242 5.30 -0.82 -4.36
N PRO A 243 5.00 -2.02 -3.88
CA PRO A 243 4.79 -2.17 -2.44
C PRO A 243 6.04 -1.90 -1.62
N ALA A 244 7.22 -2.22 -2.15
CA ALA A 244 8.46 -1.94 -1.41
C ALA A 244 8.61 -0.44 -1.16
N LEU A 245 8.40 0.37 -2.19
CA LEU A 245 8.47 1.82 -2.03
C LEU A 245 7.38 2.34 -1.11
N ARG A 246 6.19 1.72 -1.14
CA ARG A 246 5.12 2.14 -0.23
C ARG A 246 5.50 1.84 1.22
N ALA A 247 6.21 0.74 1.46
CA ALA A 247 6.64 0.43 2.81
C ALA A 247 7.72 1.42 3.28
N ILE A 248 8.70 1.70 2.42
CA ILE A 248 9.74 2.68 2.73
C ILE A 248 9.12 4.04 3.00
N GLY A 249 8.16 4.45 2.15
CA GLY A 249 7.49 5.72 2.37
C GLY A 249 6.72 5.75 3.67
N ASN A 250 6.10 4.62 4.04
CA ASN A 250 5.39 4.56 5.31
C ASN A 250 6.34 4.70 6.49
N ILE A 251 7.54 4.11 6.40
CA ILE A 251 8.44 4.09 7.55
C ILE A 251 8.99 5.48 7.83
N VAL A 252 9.28 6.27 6.77
CA VAL A 252 9.89 7.58 6.94
C VAL A 252 8.83 8.61 7.34
N THR A 253 7.59 8.16 7.53
CA THR A 253 6.62 9.05 8.16
C THR A 253 6.70 9.01 9.68
N GLY A 254 7.51 8.12 10.24
CA GLY A 254 7.63 7.95 11.67
C GLY A 254 8.71 8.80 12.29
N THR A 255 9.30 8.30 13.37
CA THR A 255 10.28 9.06 14.12
C THR A 255 11.52 9.30 13.27
N ASP A 256 12.36 10.22 13.74
CA ASP A 256 13.60 10.51 13.03
C ASP A 256 14.55 9.31 13.04
N GLU A 257 14.49 8.49 14.09
CA GLU A 257 15.33 7.29 14.14
C GLU A 257 14.85 6.23 13.17
N GLN A 258 13.54 6.06 13.04
CA GLN A 258 13.02 5.14 12.03
C GLN A 258 13.36 5.63 10.62
N THR A 259 13.33 6.94 10.41
CA THR A 259 13.74 7.50 9.12
C THR A 259 15.21 7.25 8.87
N GLN A 260 16.05 7.42 9.90
CA GLN A 260 17.49 7.21 9.75
C GLN A 260 17.80 5.77 9.37
N LYS A 261 17.05 4.80 9.89
CA LYS A 261 17.28 3.41 9.54
C LYS A 261 17.09 3.19 8.03
N VAL A 262 16.12 3.88 7.42
CA VAL A 262 15.96 3.80 5.97
C VAL A 262 17.15 4.44 5.26
N ILE A 263 17.56 5.63 5.70
CA ILE A 263 18.71 6.31 5.11
C ILE A 263 19.98 5.48 5.28
N ASP A 264 20.15 4.86 6.46
CA ASP A 264 21.37 4.09 6.68
C ASP A 264 21.42 2.86 5.79
N ALA A 265 20.27 2.33 5.39
CA ALA A 265 20.21 1.16 4.51
C ALA A 265 20.56 1.47 3.06
N GLY A 266 20.88 2.72 2.73
CA GLY A 266 21.19 3.10 1.36
C GLY A 266 20.02 3.46 0.47
N ALA A 267 18.85 3.75 1.03
CA ALA A 267 17.66 3.95 0.19
C ALA A 267 17.80 5.14 -0.74
N LEU A 268 18.52 6.18 -0.30
CA LEU A 268 18.60 7.41 -1.09
C LEU A 268 19.29 7.19 -2.43
N ALA A 269 20.19 6.20 -2.51
CA ALA A 269 20.90 5.93 -3.76
C ALA A 269 19.96 5.44 -4.86
N VAL A 270 18.78 4.92 -4.50
CA VAL A 270 17.83 4.43 -5.51
C VAL A 270 16.94 5.55 -6.05
N PHE A 271 16.87 6.68 -5.36
CA PHE A 271 15.86 7.68 -5.68
C PHE A 271 16.09 8.48 -6.96
N PRO A 272 17.32 8.60 -7.48
CA PRO A 272 17.43 9.18 -8.84
C PRO A 272 16.66 8.36 -9.86
N SER A 273 16.59 7.04 -9.69
CA SER A 273 15.78 6.19 -10.56
C SER A 273 14.29 6.46 -10.33
N LEU A 274 13.86 6.41 -9.07
CA LEU A 274 12.44 6.48 -8.76
C LEU A 274 11.85 7.85 -9.08
N LEU A 275 12.63 8.93 -8.89
CA LEU A 275 12.11 10.26 -9.15
C LEU A 275 11.97 10.56 -10.64
N THR A 276 12.60 9.78 -11.51
CA THR A 276 12.43 9.89 -12.96
C THR A 276 11.74 8.67 -13.55
N ASN A 277 11.01 7.91 -12.72
CA ASN A 277 10.42 6.66 -13.17
C ASN A 277 9.28 6.93 -14.15
N PRO A 278 9.19 6.18 -15.26
CA PRO A 278 8.11 6.41 -16.23
C PRO A 278 6.72 6.13 -15.67
N LYS A 279 6.59 5.36 -14.59
CA LYS A 279 5.30 5.10 -13.97
C LYS A 279 4.95 6.24 -13.00
N THR A 280 3.74 6.78 -13.15
CA THR A 280 3.37 8.00 -12.45
C THR A 280 3.29 7.80 -10.94
N ASN A 281 2.62 6.73 -10.49
CA ASN A 281 2.47 6.52 -9.05
C ASN A 281 3.82 6.30 -8.38
N ILE A 282 4.80 5.76 -9.11
CA ILE A 282 6.14 5.59 -8.53
C ILE A 282 6.77 6.95 -8.28
N GLN A 283 6.73 7.83 -9.30
CA GLN A 283 7.22 9.19 -9.12
C GLN A 283 6.51 9.88 -7.97
N LYS A 284 5.18 9.75 -7.90
CA LYS A 284 4.42 10.40 -6.84
C LYS A 284 4.79 9.84 -5.48
N GLU A 285 4.88 8.51 -5.36
CA GLU A 285 5.26 7.90 -4.08
C GLU A 285 6.68 8.29 -3.68
N ALA A 286 7.60 8.29 -4.65
CA ALA A 286 8.99 8.62 -4.35
C ALA A 286 9.13 10.08 -3.93
N THR A 287 8.33 10.98 -4.51
CA THR A 287 8.41 12.38 -4.13
C THR A 287 7.77 12.62 -2.77
N TRP A 288 6.66 11.94 -2.48
CA TRP A 288 6.05 12.01 -1.16
C TRP A 288 7.00 11.51 -0.09
N THR A 289 7.71 10.41 -0.37
CA THR A 289 8.76 9.94 0.52
C THR A 289 9.82 11.00 0.73
N MET A 290 10.25 11.67 -0.34
CA MET A 290 11.24 12.73 -0.20
C MET A 290 10.74 13.87 0.67
N SER A 291 9.44 14.19 0.56
CA SER A 291 8.86 15.25 1.38
C SER A 291 8.94 14.90 2.86
N ASN A 292 8.75 13.62 3.19
CA ASN A 292 8.83 13.21 4.59
C ASN A 292 10.26 13.06 5.07
N ILE A 293 11.21 12.86 4.15
CA ILE A 293 12.60 12.85 4.58
C ILE A 293 13.12 14.27 4.76
N THR A 294 12.65 15.23 3.96
CA THR A 294 13.08 16.61 4.16
C THR A 294 12.43 17.25 5.39
N ALA A 295 11.43 16.60 5.96
CA ALA A 295 10.83 17.02 7.22
C ALA A 295 11.56 16.46 8.44
N GLY A 296 12.74 15.88 8.24
CA GLY A 296 13.53 15.32 9.32
C GLY A 296 14.57 16.29 9.83
N ARG A 297 15.58 15.74 10.51
CA ARG A 297 16.65 16.55 11.05
C ARG A 297 17.52 17.14 9.93
N GLN A 298 18.34 18.13 10.31
CA GLN A 298 19.16 18.83 9.34
C GLN A 298 20.24 17.93 8.74
N ASP A 299 20.78 16.99 9.53
CA ASP A 299 21.71 16.01 8.98
C ASP A 299 21.03 15.12 7.95
N GLN A 300 19.73 14.84 8.12
CA GLN A 300 19.02 14.04 7.13
C GLN A 300 18.73 14.84 5.86
N ILE A 301 18.45 16.15 6.00
CA ILE A 301 18.36 17.00 4.81
C ILE A 301 19.71 17.07 4.11
N GLN A 302 20.80 17.05 4.87
CA GLN A 302 22.13 17.04 4.28
C GLN A 302 22.38 15.75 3.50
N GLN A 303 21.86 14.62 3.99
CA GLN A 303 21.96 13.37 3.25
C GLN A 303 21.26 13.47 1.89
N VAL A 304 20.11 14.14 1.86
CA VAL A 304 19.42 14.35 0.58
C VAL A 304 20.27 15.20 -0.34
N VAL A 305 20.91 16.24 0.19
CA VAL A 305 21.78 17.09 -0.61
C VAL A 305 22.99 16.29 -1.11
N ASN A 306 23.59 15.49 -0.23
CA ASN A 306 24.80 14.75 -0.60
C ASN A 306 24.54 13.73 -1.71
N HIS A 307 23.38 13.09 -1.69
CA HIS A 307 23.03 12.14 -2.73
C HIS A 307 22.63 12.80 -4.04
N GLY A 308 22.70 14.13 -4.12
CA GLY A 308 22.41 14.82 -5.36
C GLY A 308 20.96 14.80 -5.76
N LEU A 309 20.06 14.64 -4.79
CA LEU A 309 18.63 14.54 -5.07
C LEU A 309 17.95 15.89 -5.24
N VAL A 310 18.60 16.99 -4.89
CA VAL A 310 17.98 18.31 -4.98
C VAL A 310 17.74 18.69 -6.45
N PRO A 311 18.70 18.49 -7.37
CA PRO A 311 18.36 18.68 -8.79
C PRO A 311 17.19 17.82 -9.25
N PHE A 312 17.05 16.60 -8.73
CA PHE A 312 15.91 15.76 -9.09
C PHE A 312 14.62 16.30 -8.54
N LEU A 313 14.65 16.88 -7.34
CA LEU A 313 13.46 17.52 -6.81
C LEU A 313 13.09 18.74 -7.64
N VAL A 314 14.09 19.47 -8.15
CA VAL A 314 13.81 20.61 -9.02
C VAL A 314 13.15 20.14 -10.30
N GLY A 315 13.59 19.00 -10.83
CA GLY A 315 13.02 18.47 -12.06
C GLY A 315 11.58 18.01 -11.89
N VAL A 316 11.28 17.33 -10.78
CA VAL A 316 9.91 16.93 -10.51
C VAL A 316 9.01 18.14 -10.37
N LEU A 317 9.47 19.18 -9.65
CA LEU A 317 8.70 20.41 -9.54
C LEU A 317 8.49 21.08 -10.89
N SER A 318 9.44 20.90 -11.82
CA SER A 318 9.34 21.56 -13.13
C SER A 318 8.33 20.85 -14.04
N LYS A 319 8.58 19.60 -14.37
CA LYS A 319 7.75 18.83 -15.30
C LYS A 319 7.42 17.50 -14.66
N ALA A 320 6.17 17.33 -14.23
CA ALA A 320 5.71 16.05 -13.70
C ALA A 320 4.19 16.09 -13.64
N ASP A 321 3.61 14.92 -13.34
CA ASP A 321 2.20 14.83 -12.99
C ASP A 321 1.88 15.84 -11.89
N PHE A 322 0.70 16.46 -11.96
CA PHE A 322 0.40 17.51 -11.00
C PHE A 322 0.41 16.99 -9.57
N LYS A 323 -0.13 15.79 -9.34
CA LYS A 323 -0.06 15.18 -8.02
C LYS A 323 1.37 15.04 -7.56
N THR A 324 2.26 14.58 -8.45
CA THR A 324 3.69 14.51 -8.13
C THR A 324 4.25 15.90 -7.84
N GLN A 325 3.83 16.90 -8.62
CA GLN A 325 4.30 18.27 -8.41
C GLN A 325 3.86 18.78 -7.04
N LYS A 326 2.65 18.45 -6.63
CA LYS A 326 2.16 18.88 -5.33
C LYS A 326 3.00 18.27 -4.21
N GLU A 327 3.44 17.02 -4.37
CA GLU A 327 4.31 16.42 -3.37
C GLU A 327 5.69 17.05 -3.41
N ALA A 328 6.11 17.52 -4.57
CA ALA A 328 7.37 18.25 -4.66
C ALA A 328 7.28 19.57 -3.94
N ALA A 329 6.14 20.27 -4.07
CA ALA A 329 5.95 21.51 -3.33
C ALA A 329 6.01 21.24 -1.82
N TRP A 330 5.43 20.13 -1.38
CA TRP A 330 5.52 19.76 0.04
C TRP A 330 6.97 19.47 0.45
N ALA A 331 7.73 18.82 -0.44
CA ALA A 331 9.11 18.50 -0.14
C ALA A 331 9.94 19.77 0.04
N ILE A 332 9.72 20.77 -0.82
CA ILE A 332 10.49 22.02 -0.75
C ILE A 332 10.11 22.81 0.51
N THR A 333 8.82 22.84 0.86
CA THR A 333 8.41 23.57 2.06
C THR A 333 8.98 22.92 3.33
N ASN A 334 8.96 21.59 3.41
CA ASN A 334 9.59 20.90 4.53
C ASN A 334 11.10 21.14 4.55
N TYR A 335 11.72 21.18 3.38
CA TYR A 335 13.16 21.45 3.27
C TYR A 335 13.48 22.83 3.80
N THR A 336 12.80 23.85 3.27
CA THR A 336 13.07 25.22 3.66
C THR A 336 12.67 25.50 5.11
N SER A 337 11.77 24.68 5.67
CA SER A 337 11.34 24.90 7.04
C SER A 337 12.33 24.31 8.06
N GLY A 338 13.09 23.30 7.66
CA GLY A 338 13.96 22.62 8.61
C GLY A 338 15.44 22.76 8.29
N GLY A 339 15.74 23.22 7.07
CA GLY A 339 17.12 23.30 6.63
C GLY A 339 17.89 24.46 7.27
N THR A 340 19.21 24.37 7.12
CA THR A 340 20.10 25.47 7.45
C THR A 340 20.01 26.54 6.36
N VAL A 341 20.49 27.75 6.69
CA VAL A 341 20.59 28.81 5.69
C VAL A 341 21.41 28.34 4.50
N GLU A 342 22.51 27.63 4.77
CA GLU A 342 23.36 27.11 3.70
C GLU A 342 22.60 26.13 2.81
N GLN A 343 21.82 25.23 3.40
CA GLN A 343 21.04 24.28 2.61
C GLN A 343 19.99 24.99 1.76
N ILE A 344 19.36 26.02 2.32
CA ILE A 344 18.43 26.84 1.54
C ILE A 344 19.18 27.54 0.40
N VAL A 345 20.33 28.12 0.68
CA VAL A 345 21.10 28.78 -0.38
C VAL A 345 21.40 27.79 -1.51
N TYR A 346 21.84 26.58 -1.17
CA TYR A 346 22.08 25.57 -2.18
C TYR A 346 20.81 25.22 -2.95
N LEU A 347 19.66 25.20 -2.25
CA LEU A 347 18.40 24.85 -2.92
C LEU A 347 18.02 25.89 -3.96
N VAL A 348 18.21 27.17 -3.64
CA VAL A 348 17.93 28.23 -4.58
C VAL A 348 18.93 28.22 -5.74
N HIS A 349 20.19 27.87 -5.45
CA HIS A 349 21.22 27.81 -6.49
C HIS A 349 20.96 26.67 -7.47
N CYS A 350 20.23 25.64 -7.04
CA CYS A 350 19.86 24.58 -7.97
C CYS A 350 18.73 24.99 -8.91
N GLY A 351 18.16 26.17 -8.72
CA GLY A 351 17.18 26.70 -9.66
C GLY A 351 15.76 26.38 -9.30
N ILE A 352 15.45 26.45 -8.00
CA ILE A 352 14.11 26.11 -7.53
C ILE A 352 13.10 27.23 -7.75
N ILE A 353 13.55 28.47 -7.99
CA ILE A 353 12.62 29.61 -7.93
C ILE A 353 11.65 29.58 -9.10
N GLU A 354 12.17 29.48 -10.32
CA GLU A 354 11.32 29.53 -11.51
C GLU A 354 10.26 28.42 -11.55
N PRO A 355 10.61 27.13 -11.36
CA PRO A 355 9.55 26.12 -11.29
C PRO A 355 8.59 26.35 -10.12
N LEU A 356 9.07 26.91 -9.02
CA LEU A 356 8.19 27.24 -7.90
C LEU A 356 7.21 28.34 -8.28
N MET A 357 7.67 29.37 -8.99
CA MET A 357 6.78 30.46 -9.37
C MET A 357 5.76 30.02 -10.40
N ASN A 358 6.12 29.09 -11.29
CA ASN A 358 5.21 28.67 -12.34
C ASN A 358 3.99 27.96 -11.78
N LEU A 359 4.13 27.28 -10.65
CA LEU A 359 3.00 26.61 -10.02
C LEU A 359 2.15 27.54 -9.16
N LEU A 360 2.51 28.83 -9.05
CA LEU A 360 1.65 29.75 -8.34
C LEU A 360 0.40 30.12 -9.12
N SER A 361 0.34 29.76 -10.40
CA SER A 361 -0.84 29.96 -11.24
C SER A 361 -1.73 28.73 -11.28
N ALA A 362 -1.37 27.66 -10.58
CA ALA A 362 -2.16 26.44 -10.58
C ALA A 362 -3.53 26.69 -9.95
N LYS A 363 -4.52 25.91 -10.38
CA LYS A 363 -5.89 26.03 -9.88
C LYS A 363 -6.14 25.15 -8.67
N ASP A 364 -5.21 25.15 -7.72
CA ASP A 364 -5.32 24.36 -6.49
C ASP A 364 -4.95 25.24 -5.31
N THR A 365 -5.87 25.37 -4.36
CA THR A 365 -5.65 26.29 -3.24
C THR A 365 -4.53 25.79 -2.32
N LYS A 366 -4.49 24.48 -2.05
CA LYS A 366 -3.50 23.95 -1.11
C LYS A 366 -2.08 24.12 -1.63
N ILE A 367 -1.86 23.89 -2.92
CA ILE A 367 -0.49 24.00 -3.43
C ILE A 367 -0.02 25.45 -3.40
N ILE A 368 -0.91 26.42 -3.60
CA ILE A 368 -0.51 27.81 -3.47
C ILE A 368 -0.11 28.10 -2.03
N GLN A 369 -0.87 27.59 -1.07
CA GLN A 369 -0.51 27.71 0.34
C GLN A 369 0.89 27.14 0.60
N VAL A 370 1.14 25.90 0.15
CA VAL A 370 2.43 25.27 0.38
C VAL A 370 3.55 26.07 -0.28
N ILE A 371 3.33 26.53 -1.51
CA ILE A 371 4.37 27.28 -2.23
C ILE A 371 4.62 28.61 -1.56
N LEU A 372 3.57 29.42 -1.40
CA LEU A 372 3.71 30.71 -0.72
C LEU A 372 4.34 30.56 0.65
N ASP A 373 4.12 29.42 1.29
CA ASP A 373 4.71 29.23 2.60
C ASP A 373 6.23 29.10 2.46
N ALA A 374 6.65 28.24 1.52
CA ALA A 374 8.07 28.02 1.25
C ALA A 374 8.77 29.28 0.77
N ILE A 375 8.06 30.15 0.05
CA ILE A 375 8.64 31.44 -0.30
C ILE A 375 8.94 32.26 0.97
N SER A 376 8.07 32.17 1.97
CA SER A 376 8.32 32.87 3.23
C SER A 376 9.55 32.35 3.92
N ASN A 377 9.66 31.03 3.91
CA ASN A 377 10.82 30.31 4.40
C ASN A 377 12.12 30.79 3.78
N ILE A 378 12.18 30.84 2.44
CA ILE A 378 13.41 31.26 1.77
C ILE A 378 13.72 32.72 2.07
N PHE A 379 12.69 33.57 2.08
CA PHE A 379 12.90 34.97 2.42
C PHE A 379 13.42 35.13 3.84
N GLN A 380 12.96 34.26 4.75
CA GLN A 380 13.44 34.33 6.14
C GLN A 380 14.92 34.00 6.21
N ALA A 381 15.39 33.11 5.34
CA ALA A 381 16.83 32.83 5.26
C ALA A 381 17.57 33.98 4.60
N ALA A 382 16.95 34.60 3.60
CA ALA A 382 17.56 35.76 2.94
C ALA A 382 17.76 36.92 3.90
N GLU A 383 16.93 37.03 4.94
CA GLU A 383 17.12 38.09 5.93
C GLU A 383 18.34 37.81 6.80
N LYS A 384 18.61 36.54 7.10
CA LYS A 384 19.85 36.22 7.79
C LYS A 384 21.09 36.37 6.92
N LEU A 385 20.96 36.53 5.61
CA LEU A 385 22.11 36.95 4.82
C LEU A 385 22.06 38.43 4.48
N GLY A 386 20.95 39.12 4.77
CA GLY A 386 20.77 40.50 4.38
C GLY A 386 20.52 40.71 2.90
N GLU A 387 20.28 39.64 2.14
CA GLU A 387 20.15 39.69 0.69
C GLU A 387 18.71 39.53 0.25
N THR A 388 17.77 40.14 0.98
CA THR A 388 16.36 40.10 0.58
C THR A 388 16.12 40.83 -0.73
N GLU A 389 16.94 41.84 -1.04
CA GLU A 389 16.78 42.55 -2.30
C GLU A 389 17.13 41.66 -3.49
N LYS A 390 18.15 40.80 -3.33
CA LYS A 390 18.52 39.89 -4.41
C LYS A 390 17.40 38.89 -4.70
N LEU A 391 16.76 38.36 -3.64
CA LEU A 391 15.63 37.47 -3.84
C LEU A 391 14.43 38.20 -4.41
N SER A 392 14.26 39.49 -4.06
CA SER A 392 13.16 40.27 -4.63
C SER A 392 13.32 40.39 -6.14
N ILE A 393 14.49 40.81 -6.60
CA ILE A 393 14.72 40.93 -8.04
C ILE A 393 14.70 39.56 -8.69
N MET A 394 15.05 38.51 -7.94
CA MET A 394 15.06 37.17 -8.51
C MET A 394 13.64 36.69 -8.79
N ILE A 395 12.73 36.87 -7.83
CA ILE A 395 11.32 36.54 -8.05
C ILE A 395 10.71 37.50 -9.07
N GLU A 396 11.18 38.76 -9.09
CA GLU A 396 10.86 39.69 -10.18
C GLU A 396 11.15 39.06 -11.54
N GLU A 397 12.36 38.53 -11.73
CA GLU A 397 12.87 38.22 -13.06
C GLU A 397 12.25 36.98 -13.68
N CYS A 398 11.42 36.24 -12.96
CA CYS A 398 10.74 35.07 -13.51
C CYS A 398 9.23 35.16 -13.25
N GLY A 399 8.66 36.35 -13.43
CA GLY A 399 7.22 36.54 -13.36
C GLY A 399 6.61 36.17 -12.03
N GLY A 400 7.37 36.26 -10.95
CA GLY A 400 6.91 35.82 -9.65
C GLY A 400 6.00 36.81 -8.94
N LEU A 401 6.39 38.08 -8.91
CA LEU A 401 5.59 39.06 -8.16
C LEU A 401 4.24 39.24 -8.82
N ASP A 402 4.20 39.19 -10.16
CA ASP A 402 2.95 39.19 -10.90
C ASP A 402 1.96 38.17 -10.33
N LYS A 403 2.43 36.95 -10.07
CA LYS A 403 1.56 35.92 -9.49
C LYS A 403 1.17 36.27 -8.06
N ILE A 404 2.13 36.74 -7.25
CA ILE A 404 1.87 36.95 -5.83
C ILE A 404 0.96 38.17 -5.60
N GLU A 405 1.08 39.19 -6.42
CA GLU A 405 0.12 40.30 -6.43
C GLU A 405 -1.23 39.99 -7.08
N ALA A 406 -1.32 38.97 -7.91
CA ALA A 406 -2.65 38.45 -8.24
C ALA A 406 -3.23 37.63 -7.10
N LEU A 407 -2.42 36.72 -6.52
CA LEU A 407 -2.86 35.92 -5.38
C LEU A 407 -3.21 36.79 -4.16
N GLN A 408 -2.71 38.03 -4.16
CA GLN A 408 -3.05 39.04 -3.17
C GLN A 408 -4.55 39.20 -2.94
N ARG A 409 -5.39 38.76 -3.88
CA ARG A 409 -6.83 39.01 -3.79
C ARG A 409 -7.57 37.84 -4.45
N HIS A 410 -7.82 36.79 -3.67
CA HIS A 410 -8.78 35.77 -4.07
C HIS A 410 -9.31 35.10 -2.80
N GLU A 411 -10.20 34.11 -3.00
CA GLU A 411 -11.15 33.71 -1.96
C GLU A 411 -10.46 33.29 -0.67
N ASN A 412 -9.59 32.28 -0.74
CA ASN A 412 -9.07 31.64 0.47
C ASN A 412 -8.41 32.66 1.39
N GLU A 413 -8.64 32.49 2.70
CA GLU A 413 -8.19 33.48 3.67
C GLU A 413 -6.68 33.41 3.86
N SER A 414 -6.13 32.21 4.03
CA SER A 414 -4.72 32.07 4.37
C SER A 414 -3.80 32.51 3.23
N VAL A 415 -4.24 32.36 1.98
CA VAL A 415 -3.37 32.67 0.85
C VAL A 415 -3.14 34.17 0.73
N TYR A 416 -4.22 34.96 0.82
CA TYR A 416 -4.05 36.40 0.64
C TYR A 416 -3.48 37.06 1.90
N LYS A 417 -3.75 36.49 3.08
CA LYS A 417 -3.06 36.95 4.28
C LYS A 417 -1.55 36.74 4.15
N ALA A 418 -1.14 35.58 3.65
CA ALA A 418 0.28 35.35 3.36
C ALA A 418 0.74 36.13 2.15
N SER A 419 -0.17 36.41 1.20
CA SER A 419 0.20 37.19 0.03
C SER A 419 0.46 38.64 0.39
N LEU A 420 -0.47 39.30 1.11
CA LEU A 420 -0.20 40.69 1.49
C LEU A 420 1.07 40.79 2.30
N ASN A 421 1.26 39.86 3.24
CA ASN A 421 2.46 39.85 4.08
C ASN A 421 3.71 39.86 3.22
N LEU A 422 3.79 38.94 2.26
CA LEU A 422 4.96 38.86 1.39
C LEU A 422 5.18 40.16 0.64
N ILE A 423 4.09 40.82 0.21
CA ILE A 423 4.22 41.97 -0.67
C ILE A 423 4.70 43.19 0.11
N GLU A 424 4.02 43.48 1.22
CA GLU A 424 4.41 44.60 2.06
C GLU A 424 5.85 44.44 2.58
N LYS A 425 6.19 43.23 2.99
CA LYS A 425 7.48 43.01 3.65
C LYS A 425 8.67 42.99 2.69
N TYR A 426 8.50 42.66 1.41
CA TYR A 426 9.72 42.61 0.56
C TYR A 426 9.57 43.32 -0.77
N PHE A 427 8.38 43.82 -1.09
CA PHE A 427 8.17 44.47 -2.38
C PHE A 427 7.50 45.82 -2.13
N SER A 428 8.30 46.83 -1.84
CA SER A 428 7.79 48.20 -1.66
C SER A 428 8.83 49.24 -2.04
N GLN B 6 -7.67 -6.97 -6.24
CA GLN B 6 -6.46 -7.46 -5.60
C GLN B 6 -6.84 -8.06 -4.24
N ARG B 7 -7.90 -7.49 -3.63
CA ARG B 7 -8.49 -7.95 -2.37
C ARG B 7 -8.93 -9.40 -2.45
N LYS B 8 -9.59 -9.72 -3.55
CA LYS B 8 -10.20 -11.02 -3.73
C LYS B 8 -9.72 -11.63 -5.04
N ARG B 9 -9.77 -12.96 -5.09
CA ARG B 9 -9.30 -13.71 -6.24
C ARG B 9 -10.28 -14.84 -6.51
N GLN B 10 -10.84 -14.90 -7.72
CA GLN B 10 -11.61 -16.07 -8.12
C GLN B 10 -10.70 -17.04 -8.85
N LYS B 11 -10.84 -18.32 -8.52
CA LYS B 11 -10.08 -19.38 -9.16
C LYS B 11 -10.76 -19.77 -10.47
N LEU B 12 -10.00 -19.74 -11.55
CA LEU B 12 -10.48 -20.05 -12.90
C LEU B 12 -9.99 -21.42 -13.34
N MET B 13 -10.55 -21.89 -14.45
CA MET B 13 -10.10 -23.14 -15.08
C MET B 13 -8.59 -23.14 -15.29
N GLU C 6 6.96 22.26 9.19
CA GLU C 6 7.73 21.01 9.16
C GLU C 6 7.05 19.92 9.98
N GLU C 7 6.11 19.22 9.36
CA GLU C 7 5.44 18.09 9.98
C GLU C 7 5.36 16.95 8.96
N LYS C 8 5.43 15.72 9.48
CA LYS C 8 5.40 14.55 8.62
C LYS C 8 3.96 14.19 8.27
N ARG C 9 3.72 13.97 6.98
CA ARG C 9 2.40 13.66 6.45
C ARG C 9 2.25 12.16 6.33
N LYS C 10 1.18 11.61 6.88
CA LYS C 10 0.93 10.17 6.90
C LYS C 10 -0.27 9.88 6.02
N ARG C 11 -0.02 9.25 4.87
CA ARG C 11 -1.04 8.60 4.02
C ARG C 11 -2.48 9.11 4.14
#